data_6H5S
#
_entry.id   6H5S
#
_cell.length_a   1.00
_cell.length_b   1.00
_cell.length_c   1.00
_cell.angle_alpha   90.00
_cell.angle_beta   90.00
_cell.angle_gamma   90.00
#
_symmetry.space_group_name_H-M   'P 1'
#
loop_
_entity.id
_entity.type
_entity.pdbx_description
1 polymer Nucleocapsid
2 polymer "RNA (5'-R(*AP*CP*CP*AP*GP*A)-3')"
#
loop_
_entity_poly.entity_id
_entity_poly.type
_entity_poly.pdbx_seq_one_letter_code
_entity_poly.pdbx_strand_id
1 'polypeptide(L)'
;MATLLRSLALFKRNKDKPPITSGSGGAIRGIKHIIIVPIPGDSSITTRSRLLDRLVRLIGNPDVSGPKLTGALIGILSLF
VESPGQLIQRITDDPDVSIRLLEVVQSDQSQSGLTFASRGTNMEDEADQYFSHDDPISSDQSRFGWFENKEISDIEVQDP
EGFNMILGTILAQIWVLLAKAVTAPDTAADSELRRWIKYTQQRRVVGEFRLERKWLDVVRNRIAEDLSLRRFMVALILDI
KRTPGNKPRIAEMICDIDTYIVEAGLASFILTIKFGIETMYPALGLHEFAGELSTLESLMNLYQQMGETAPYMVILENSI
QNKFSAGSYPLLWSYAMGVGVELENSMGGLNFGRSYFDPAYFRLGQEMVRRSAGKVSSTLASELGITAEDARLVSEIAMH
TTEDKVEHHHHHHHH
;
C
2 'polyribonucleotide' ACCAGA E
#
loop_
_chem_comp.id
_chem_comp.type
_chem_comp.name
_chem_comp.formula
A RNA linking ADENOSINE-5'-MONOPHOSPHATE 'C10 H14 N5 O7 P'
C RNA linking CYTIDINE-5'-MONOPHOSPHATE 'C9 H14 N3 O8 P'
G RNA linking GUANOSINE-5'-MONOPHOSPHATE 'C10 H14 N5 O8 P'
#
# COMPACT_ATOMS: atom_id res chain seq x y z
N ALA A 2 -47.10 -0.29 1.77
CA ALA A 2 -45.69 -0.24 2.09
C ALA A 2 -44.88 -1.06 1.11
N THR A 3 -45.41 -1.21 -0.10
CA THR A 3 -44.73 -2.02 -1.10
C THR A 3 -43.69 -1.22 -1.86
N LEU A 4 -43.73 0.10 -1.74
CA LEU A 4 -42.72 0.93 -2.39
C LEU A 4 -41.38 0.83 -1.66
N LEU A 5 -41.44 0.60 -0.35
CA LEU A 5 -40.24 0.61 0.48
C LEU A 5 -39.31 -0.55 0.17
N ARG A 6 -39.85 -1.78 0.14
CA ARG A 6 -38.97 -2.90 -0.17
C ARG A 6 -38.66 -2.97 -1.65
N SER A 7 -39.48 -2.37 -2.51
CA SER A 7 -39.10 -2.24 -3.90
C SER A 7 -38.04 -1.18 -4.11
N LEU A 8 -37.92 -0.23 -3.18
CA LEU A 8 -36.85 0.76 -3.24
C LEU A 8 -35.55 0.20 -2.72
N ALA A 9 -35.62 -0.59 -1.64
CA ALA A 9 -34.40 -1.13 -1.03
C ALA A 9 -33.77 -2.18 -1.90
N LEU A 10 -34.58 -2.97 -2.60
CA LEU A 10 -34.03 -3.91 -3.58
C LEU A 10 -33.49 -3.20 -4.80
N PHE A 11 -33.97 -2.00 -5.10
CA PHE A 11 -33.42 -1.23 -6.22
C PHE A 11 -32.01 -0.76 -5.90
N LYS A 12 -31.73 -0.48 -4.63
CA LYS A 12 -30.40 -0.06 -4.23
C LYS A 12 -29.51 -1.23 -3.83
N ARG A 13 -30.06 -2.43 -3.74
CA ARG A 13 -29.21 -3.60 -3.56
C ARG A 13 -29.01 -4.35 -4.87
N ASN A 14 -29.19 -3.69 -6.00
CA ASN A 14 -28.81 -4.24 -7.30
C ASN A 14 -28.01 -3.29 -8.16
N LYS A 15 -28.33 -1.99 -8.15
CA LYS A 15 -27.46 -1.04 -8.84
C LYS A 15 -26.21 -0.72 -8.04
N ASP A 16 -26.18 -1.11 -6.77
CA ASP A 16 -25.05 -0.90 -5.89
C ASP A 16 -24.55 -2.28 -5.46
N LYS A 17 -24.46 -3.17 -6.43
CA LYS A 17 -24.12 -4.58 -6.26
C LYS A 17 -22.91 -4.88 -7.15
N PRO A 18 -21.98 -5.70 -6.67
CA PRO A 18 -20.87 -6.14 -7.52
C PRO A 18 -21.38 -7.02 -8.65
N PRO A 19 -20.91 -6.79 -9.88
CA PRO A 19 -21.36 -7.62 -11.00
C PRO A 19 -20.82 -9.04 -10.93
N ILE A 20 -21.63 -10.02 -11.31
CA ILE A 20 -21.24 -11.42 -11.31
C ILE A 20 -20.17 -11.63 -12.36
N THR A 21 -19.35 -12.67 -12.20
CA THR A 21 -18.10 -12.75 -12.94
C THR A 21 -18.07 -14.05 -13.73
N SER A 22 -16.89 -14.41 -14.25
CA SER A 22 -16.62 -15.63 -15.02
C SER A 22 -17.46 -15.70 -16.29
N GLY A 23 -17.67 -14.54 -16.90
CA GLY A 23 -18.38 -14.48 -18.16
C GLY A 23 -17.43 -14.30 -19.33
N SER A 24 -16.24 -13.79 -19.05
CA SER A 24 -15.20 -13.72 -20.06
C SER A 24 -14.61 -15.11 -20.30
N GLY A 25 -14.54 -15.52 -21.56
CA GLY A 25 -13.94 -16.81 -21.86
C GLY A 25 -12.44 -16.78 -21.77
N GLY A 26 -11.85 -15.59 -21.88
CA GLY A 26 -10.41 -15.45 -21.83
C GLY A 26 -9.92 -14.39 -22.78
N ALA A 27 -10.84 -13.73 -23.47
CA ALA A 27 -10.47 -12.70 -24.44
C ALA A 27 -10.52 -11.31 -23.82
N ILE A 28 -9.96 -11.13 -22.63
CA ILE A 28 -9.85 -9.81 -22.00
C ILE A 28 -8.39 -9.64 -21.61
N ARG A 29 -7.67 -10.76 -21.48
CA ARG A 29 -6.28 -10.78 -21.03
C ARG A 29 -5.37 -9.96 -21.92
N GLY A 30 -4.59 -9.08 -21.30
CA GLY A 30 -3.85 -8.11 -22.07
C GLY A 30 -2.61 -8.70 -22.69
N ILE A 31 -1.92 -7.86 -23.46
CA ILE A 31 -0.62 -8.25 -23.99
C ILE A 31 0.33 -8.34 -22.80
N LYS A 32 1.10 -9.42 -22.75
CA LYS A 32 1.92 -9.67 -21.57
C LYS A 32 3.14 -8.77 -21.55
N HIS A 33 3.91 -8.86 -20.47
CA HIS A 33 5.08 -8.03 -20.32
C HIS A 33 6.07 -8.76 -19.43
N ILE A 34 7.14 -9.26 -20.03
CA ILE A 34 8.19 -9.97 -19.32
C ILE A 34 8.91 -9.02 -18.37
N ILE A 35 8.96 -9.38 -17.10
CA ILE A 35 9.63 -8.60 -16.08
C ILE A 35 10.74 -9.48 -15.51
N ILE A 36 11.76 -8.87 -14.92
CA ILE A 36 12.98 -9.57 -14.53
C ILE A 36 13.18 -9.42 -13.02
N VAL A 37 12.91 -10.49 -12.29
CA VAL A 37 12.97 -10.46 -10.84
C VAL A 37 14.18 -11.27 -10.37
N PRO A 38 15.28 -10.65 -9.96
CA PRO A 38 16.47 -11.41 -9.58
C PRO A 38 16.33 -12.04 -8.20
N ILE A 39 15.94 -13.30 -8.18
CA ILE A 39 15.77 -14.03 -6.93
C ILE A 39 17.10 -14.41 -6.32
N PRO A 40 17.13 -14.60 -4.99
CA PRO A 40 18.37 -14.98 -4.31
C PRO A 40 18.81 -16.35 -4.80
N GLY A 41 20.11 -16.55 -4.96
CA GLY A 41 20.61 -17.82 -5.45
C GLY A 41 21.19 -18.71 -4.37
N ASP A 42 20.62 -19.91 -4.29
CA ASP A 42 20.98 -21.02 -3.39
C ASP A 42 20.54 -20.85 -1.93
N SER A 43 20.82 -21.89 -1.15
CA SER A 43 20.49 -21.93 0.28
C SER A 43 21.26 -20.92 1.14
N SER A 44 22.52 -20.70 0.79
CA SER A 44 23.40 -19.83 1.58
C SER A 44 22.97 -18.37 1.74
N ILE A 45 23.12 -17.90 2.97
CA ILE A 45 22.81 -16.54 3.40
C ILE A 45 23.68 -15.48 2.75
N THR A 46 24.94 -15.81 2.53
CA THR A 46 25.90 -14.85 1.99
C THR A 46 25.55 -14.26 0.62
N THR A 47 25.03 -15.06 -0.30
CA THR A 47 24.71 -14.48 -1.61
C THR A 47 23.44 -13.65 -1.61
N ARG A 48 22.50 -13.88 -0.67
CA ARG A 48 21.32 -13.05 -0.62
C ARG A 48 21.53 -11.76 0.14
N SER A 49 22.60 -11.68 0.93
CA SER A 49 23.01 -10.37 1.43
C SER A 49 23.77 -9.60 0.37
N ARG A 50 24.56 -10.29 -0.44
CA ARG A 50 25.22 -9.65 -1.56
C ARG A 50 24.22 -9.28 -2.64
N LEU A 51 23.15 -10.06 -2.79
CA LEU A 51 22.11 -9.70 -3.74
C LEU A 51 21.36 -8.46 -3.28
N LEU A 52 21.08 -8.34 -1.98
CA LEU A 52 20.42 -7.15 -1.44
C LEU A 52 21.30 -5.92 -1.60
N ASP A 53 22.61 -6.08 -1.44
CA ASP A 53 23.53 -4.96 -1.57
C ASP A 53 23.60 -4.45 -3.00
N ARG A 54 23.68 -5.36 -3.97
CA ARG A 54 23.80 -4.97 -5.36
C ARG A 54 22.48 -4.55 -5.97
N LEU A 55 21.38 -4.66 -5.23
CA LEU A 55 20.06 -4.36 -5.76
C LEU A 55 19.39 -3.20 -5.04
N VAL A 56 19.90 -2.78 -3.89
CA VAL A 56 19.48 -1.52 -3.31
C VAL A 56 20.11 -0.36 -4.07
N ARG A 57 21.41 -0.44 -4.34
CA ARG A 57 22.04 0.63 -5.11
C ARG A 57 21.69 0.58 -6.58
N LEU A 58 21.11 -0.54 -7.06
CA LEU A 58 20.54 -0.55 -8.40
C LEU A 58 19.35 0.38 -8.48
N ILE A 59 18.58 0.49 -7.40
CA ILE A 59 17.39 1.32 -7.40
C ILE A 59 17.76 2.78 -7.32
N GLY A 60 18.76 3.11 -6.51
CA GLY A 60 19.27 4.46 -6.49
C GLY A 60 20.13 4.75 -7.70
N ASN A 61 19.49 4.92 -8.84
CA ASN A 61 20.16 5.07 -10.13
C ASN A 61 19.15 5.70 -11.08
N PRO A 62 19.47 6.84 -11.68
CA PRO A 62 18.52 7.44 -12.64
C PRO A 62 18.47 6.72 -13.98
N ASP A 63 19.33 5.74 -14.23
CA ASP A 63 19.38 5.07 -15.52
C ASP A 63 18.56 3.79 -15.55
N VAL A 64 17.77 3.50 -14.53
CA VAL A 64 16.97 2.27 -14.53
C VAL A 64 15.59 2.58 -15.06
N SER A 65 15.01 1.59 -15.71
CA SER A 65 13.79 1.78 -16.48
C SER A 65 12.57 1.47 -15.62
N GLY A 66 11.42 1.43 -16.24
CA GLY A 66 10.20 0.94 -15.65
C GLY A 66 10.27 -0.51 -15.20
N PRO A 67 10.45 -1.46 -16.13
CA PRO A 67 10.43 -2.88 -15.72
C PRO A 67 11.63 -3.29 -14.90
N LYS A 68 12.80 -2.69 -15.14
CA LYS A 68 14.00 -3.06 -14.40
C LYS A 68 13.90 -2.62 -12.94
N LEU A 69 13.16 -1.55 -12.67
CA LEU A 69 13.00 -1.09 -11.29
C LEU A 69 11.93 -1.88 -10.57
N THR A 70 10.83 -2.21 -11.27
CA THR A 70 9.78 -3.01 -10.65
C THR A 70 10.27 -4.42 -10.36
N GLY A 71 11.04 -4.99 -11.28
CA GLY A 71 11.65 -6.28 -11.01
C GLY A 71 12.74 -6.22 -9.95
N ALA A 72 13.37 -5.06 -9.77
CA ALA A 72 14.31 -4.92 -8.67
C ALA A 72 13.59 -4.87 -7.33
N LEU A 73 12.43 -4.22 -7.28
CA LEU A 73 11.69 -4.13 -6.03
C LEU A 73 11.02 -5.45 -5.67
N ILE A 74 10.46 -6.15 -6.66
CA ILE A 74 9.92 -7.49 -6.41
C ILE A 74 11.05 -8.45 -6.05
N GLY A 75 12.27 -8.17 -6.52
CA GLY A 75 13.41 -8.96 -6.12
C GLY A 75 13.81 -8.80 -4.66
N ILE A 76 13.67 -7.59 -4.11
CA ILE A 76 14.02 -7.38 -2.72
C ILE A 76 12.84 -7.47 -1.76
N LEU A 77 11.60 -7.30 -2.22
CA LEU A 77 10.46 -7.47 -1.34
C LEU A 77 10.14 -8.92 -1.04
N SER A 78 10.87 -9.86 -1.62
CA SER A 78 10.66 -11.27 -1.34
C SER A 78 11.95 -11.99 -0.95
N LEU A 79 12.99 -11.26 -0.58
CA LEU A 79 14.20 -11.93 -0.09
C LEU A 79 14.03 -12.52 1.30
N PHE A 80 12.96 -12.19 2.01
CA PHE A 80 12.83 -12.61 3.39
C PHE A 80 12.33 -14.03 3.57
N VAL A 81 12.12 -14.77 2.48
CA VAL A 81 11.61 -16.13 2.58
C VAL A 81 12.66 -17.11 2.08
N GLU A 82 12.58 -18.32 2.60
CA GLU A 82 13.29 -19.44 1.98
C GLU A 82 12.65 -19.71 0.63
N SER A 83 13.50 -19.83 -0.41
CA SER A 83 13.13 -20.02 -1.80
C SER A 83 12.15 -18.96 -2.31
N PRO A 84 12.63 -17.75 -2.61
CA PRO A 84 11.73 -16.69 -3.12
C PRO A 84 11.11 -16.98 -4.48
N GLY A 85 11.59 -18.00 -5.20
CA GLY A 85 11.05 -18.29 -6.51
C GLY A 85 9.63 -18.82 -6.46
N GLN A 86 9.32 -19.61 -5.45
CA GLN A 86 7.98 -20.12 -5.27
C GLN A 86 7.10 -19.19 -4.46
N LEU A 87 7.56 -17.97 -4.21
CA LEU A 87 6.69 -16.93 -3.67
C LEU A 87 6.18 -16.00 -4.76
N ILE A 88 7.04 -15.63 -5.72
CA ILE A 88 6.63 -14.71 -6.78
C ILE A 88 5.57 -15.35 -7.66
N GLN A 89 5.76 -16.59 -8.05
CA GLN A 89 4.76 -17.28 -8.86
C GLN A 89 3.59 -17.76 -8.03
N ARG A 90 3.68 -17.71 -6.70
CA ARG A 90 2.54 -17.94 -5.83
C ARG A 90 1.66 -16.71 -5.71
N ILE A 91 2.25 -15.52 -5.71
CA ILE A 91 1.51 -14.28 -5.46
C ILE A 91 0.95 -13.67 -6.73
N THR A 92 1.77 -13.57 -7.78
CA THR A 92 1.44 -12.76 -8.95
C THR A 92 0.33 -13.41 -9.76
N ASP A 93 -0.88 -12.86 -9.64
CA ASP A 93 -1.97 -13.15 -10.55
C ASP A 93 -2.29 -11.94 -11.42
N ASP A 94 -1.32 -11.07 -11.62
CA ASP A 94 -1.48 -9.93 -12.51
C ASP A 94 -1.51 -10.41 -13.96
N PRO A 95 -2.48 -9.97 -14.76
CA PRO A 95 -2.55 -10.42 -16.15
C PRO A 95 -1.69 -9.63 -17.10
N ASP A 96 -1.11 -8.51 -16.69
CA ASP A 96 -0.29 -7.71 -17.58
C ASP A 96 1.20 -7.93 -17.40
N VAL A 97 1.62 -8.76 -16.46
CA VAL A 97 3.04 -8.96 -16.19
C VAL A 97 3.31 -10.45 -16.05
N SER A 98 4.22 -10.95 -16.89
CA SER A 98 4.69 -12.33 -16.82
C SER A 98 6.04 -12.31 -16.12
N ILE A 99 6.13 -12.97 -14.97
CA ILE A 99 7.37 -13.06 -14.22
C ILE A 99 8.32 -13.99 -14.96
N ARG A 100 9.45 -13.47 -15.43
CA ARG A 100 10.58 -14.30 -15.82
C ARG A 100 11.68 -14.03 -14.82
N LEU A 101 11.74 -14.85 -13.78
CA LEU A 101 12.61 -14.62 -12.64
C LEU A 101 13.87 -15.46 -12.80
N LEU A 102 15.02 -14.86 -12.53
CA LEU A 102 16.30 -15.50 -12.79
C LEU A 102 17.11 -15.63 -11.52
N GLU A 103 17.71 -16.80 -11.33
CA GLU A 103 18.48 -17.06 -10.13
C GLU A 103 19.80 -16.32 -10.19
N VAL A 104 20.21 -15.78 -9.04
CA VAL A 104 21.44 -15.01 -8.93
C VAL A 104 22.32 -15.72 -7.92
N VAL A 105 23.51 -16.13 -8.35
CA VAL A 105 24.46 -16.80 -7.47
C VAL A 105 25.70 -15.94 -7.34
N GLN A 106 26.37 -16.08 -6.20
CA GLN A 106 27.57 -15.29 -5.95
C GLN A 106 28.76 -15.86 -6.72
N SER A 107 29.74 -14.99 -6.95
CA SER A 107 30.94 -15.38 -7.68
C SER A 107 32.06 -14.45 -7.29
N ASP A 108 33.28 -14.86 -7.60
CA ASP A 108 34.45 -14.02 -7.47
C ASP A 108 35.03 -13.62 -8.82
N GLN A 109 34.44 -14.09 -9.91
CA GLN A 109 34.88 -13.74 -11.24
C GLN A 109 34.24 -12.45 -11.72
N SER A 110 32.98 -12.22 -11.36
CA SER A 110 32.24 -11.08 -11.86
C SER A 110 32.66 -9.80 -11.17
N GLN A 111 32.34 -8.66 -11.80
CA GLN A 111 32.71 -7.37 -11.26
C GLN A 111 31.85 -7.02 -10.04
N SER A 112 30.54 -7.13 -10.18
CA SER A 112 29.63 -6.88 -9.07
C SER A 112 29.70 -7.97 -8.01
N GLY A 113 30.12 -9.17 -8.39
CA GLY A 113 30.18 -10.28 -7.47
C GLY A 113 29.08 -11.29 -7.62
N LEU A 114 28.19 -11.09 -8.58
CA LEU A 114 27.03 -11.95 -8.78
C LEU A 114 26.93 -12.37 -10.23
N THR A 115 26.68 -13.65 -10.46
CA THR A 115 26.40 -14.16 -11.79
C THR A 115 25.00 -14.77 -11.81
N PHE A 116 24.59 -15.21 -13.00
CA PHE A 116 23.25 -15.75 -13.18
C PHE A 116 23.34 -17.25 -13.45
N ALA A 117 22.51 -18.02 -12.75
CA ALA A 117 22.55 -19.48 -12.89
C ALA A 117 21.66 -19.92 -14.03
N MET A 123 26.65 -15.67 -19.29
CA MET A 123 25.89 -14.89 -18.32
C MET A 123 26.69 -14.63 -17.06
N GLU A 124 28.02 -14.59 -17.23
CA GLU A 124 28.93 -14.24 -16.15
C GLU A 124 29.16 -12.74 -16.10
N ASP A 125 29.37 -12.13 -17.26
CA ASP A 125 29.51 -10.68 -17.36
C ASP A 125 28.20 -10.01 -17.76
N GLU A 126 27.22 -10.77 -18.26
CA GLU A 126 25.90 -10.23 -18.57
C GLU A 126 25.17 -9.76 -17.33
N ALA A 127 25.48 -10.33 -16.16
CA ALA A 127 24.95 -9.84 -14.90
C ALA A 127 25.51 -8.47 -14.51
N ASP A 128 26.71 -8.13 -14.99
CA ASP A 128 27.29 -6.84 -14.62
C ASP A 128 26.61 -5.68 -15.32
N GLN A 129 26.03 -5.92 -16.51
CA GLN A 129 25.19 -4.88 -17.10
C GLN A 129 23.80 -4.84 -16.49
N TYR A 130 23.45 -5.82 -15.65
CA TYR A 130 22.18 -5.73 -14.95
C TYR A 130 22.31 -4.93 -13.66
N PHE A 131 23.37 -5.18 -12.89
CA PHE A 131 23.52 -4.48 -11.62
C PHE A 131 24.26 -3.16 -11.73
N SER A 132 24.84 -2.86 -12.88
CA SER A 132 25.60 -1.64 -13.04
C SER A 132 25.65 -1.21 -14.50
N GLN A 141 27.98 10.83 -8.70
CA GLN A 141 27.73 10.07 -7.48
C GLN A 141 26.63 10.77 -6.67
N SER A 142 26.46 12.07 -6.89
CA SER A 142 25.50 12.87 -6.16
C SER A 142 24.06 12.56 -6.54
N ARG A 143 23.81 11.72 -7.55
CA ARG A 143 22.47 11.33 -7.92
C ARG A 143 22.21 9.82 -7.75
N PHE A 144 23.13 9.08 -7.14
CA PHE A 144 22.87 7.71 -6.77
C PHE A 144 22.29 7.66 -5.36
N GLY A 145 21.06 7.15 -5.24
CA GLY A 145 20.39 7.08 -3.95
C GLY A 145 20.95 5.95 -3.11
N TRP A 146 21.16 6.24 -1.83
CA TRP A 146 21.83 5.33 -0.90
C TRP A 146 21.44 5.78 0.50
N PHE A 147 22.10 5.25 1.53
CA PHE A 147 21.75 5.54 2.91
C PHE A 147 22.12 7.00 3.26
N GLU A 148 21.46 7.52 4.30
CA GLU A 148 21.77 8.88 4.75
C GLU A 148 23.16 8.96 5.37
N ASN A 149 23.54 7.96 6.16
CA ASN A 149 24.90 7.91 6.68
C ASN A 149 25.77 7.30 5.58
N LYS A 150 26.13 8.15 4.62
CA LYS A 150 26.81 7.68 3.42
C LYS A 150 28.32 7.46 3.61
N GLU A 151 28.75 7.31 4.85
CA GLU A 151 29.98 6.61 5.19
C GLU A 151 29.91 5.12 4.83
N ILE A 152 28.70 4.57 4.71
CA ILE A 152 28.47 3.19 4.29
C ILE A 152 28.93 2.99 2.86
N SER A 153 29.70 1.93 2.64
CA SER A 153 30.01 1.49 1.28
C SER A 153 29.19 0.27 0.91
N ASP A 154 29.21 -0.78 1.72
CA ASP A 154 28.51 -2.01 1.41
C ASP A 154 27.76 -2.49 2.65
N ILE A 155 26.68 -3.22 2.44
CA ILE A 155 25.91 -3.80 3.54
C ILE A 155 25.88 -5.31 3.41
N GLU A 156 26.89 -5.87 2.78
CA GLU A 156 27.03 -7.32 2.72
C GLU A 156 27.51 -7.84 4.08
N VAL A 157 26.78 -8.81 4.63
CA VAL A 157 27.13 -9.45 5.88
C VAL A 157 27.20 -10.96 5.64
N GLN A 158 27.55 -11.68 6.70
CA GLN A 158 27.71 -13.13 6.62
C GLN A 158 26.92 -13.89 7.67
N ASP A 159 26.47 -13.25 8.72
CA ASP A 159 25.64 -13.92 9.71
C ASP A 159 24.17 -13.88 9.27
N PRO A 160 23.38 -14.86 9.70
CA PRO A 160 21.96 -14.84 9.32
C PRO A 160 21.16 -13.79 10.06
N GLU A 161 21.41 -13.59 11.36
CA GLU A 161 20.64 -12.59 12.09
C GLU A 161 21.08 -11.18 11.77
N GLY A 162 22.27 -11.00 11.20
CA GLY A 162 22.64 -9.68 10.71
C GLY A 162 21.82 -9.30 9.51
N PHE A 163 21.82 -10.16 8.48
CA PHE A 163 21.03 -9.95 7.28
C PHE A 163 19.53 -9.88 7.56
N ASN A 164 19.07 -10.61 8.58
CA ASN A 164 17.66 -10.56 8.95
C ASN A 164 17.29 -9.19 9.49
N MET A 165 18.22 -8.47 10.11
CA MET A 165 17.97 -7.12 10.60
C MET A 165 18.26 -6.06 9.56
N ILE A 166 19.16 -6.32 8.60
CA ILE A 166 19.38 -5.35 7.54
C ILE A 166 18.25 -5.40 6.53
N LEU A 167 17.83 -6.59 6.12
CA LEU A 167 16.70 -6.74 5.20
C LEU A 167 15.41 -6.24 5.82
N GLY A 168 15.22 -6.49 7.13
CA GLY A 168 14.08 -5.95 7.82
C GLY A 168 14.09 -4.45 7.93
N THR A 169 15.28 -3.84 7.85
CA THR A 169 15.38 -2.38 7.83
C THR A 169 15.05 -1.82 6.46
N ILE A 170 15.49 -2.50 5.39
CA ILE A 170 15.23 -2.01 4.04
C ILE A 170 13.77 -2.18 3.66
N LEU A 171 13.16 -3.32 4.04
CA LEU A 171 11.76 -3.54 3.71
C LEU A 171 10.83 -2.63 4.51
N ALA A 172 11.17 -2.32 5.75
CA ALA A 172 10.28 -1.51 6.58
C ALA A 172 10.17 -0.08 6.13
N GLN A 173 11.04 0.37 5.24
CA GLN A 173 10.89 1.70 4.66
C GLN A 173 10.59 1.65 3.18
N ILE A 174 10.30 0.47 2.64
CA ILE A 174 9.62 0.34 1.36
C ILE A 174 8.13 0.05 1.55
N TRP A 175 7.78 -0.69 2.60
CA TRP A 175 6.38 -0.96 2.84
C TRP A 175 5.64 0.24 3.40
N VAL A 176 6.33 1.15 4.11
CA VAL A 176 5.64 2.35 4.55
C VAL A 176 5.46 3.34 3.41
N LEU A 177 6.18 3.15 2.30
CA LEU A 177 5.94 3.97 1.12
C LEU A 177 4.59 3.66 0.52
N LEU A 178 4.16 2.40 0.59
CA LEU A 178 2.91 1.97 -0.03
C LEU A 178 1.69 2.60 0.62
N ALA A 179 1.81 3.04 1.88
CA ALA A 179 0.66 3.52 2.63
C ALA A 179 0.07 4.78 2.02
N LYS A 180 0.91 5.68 1.55
CA LYS A 180 0.43 6.87 0.87
C LYS A 180 1.31 7.22 -0.32
N ALA A 181 1.64 6.21 -1.13
CA ALA A 181 2.28 6.50 -2.41
C ALA A 181 1.27 6.98 -3.43
N VAL A 182 0.01 6.59 -3.30
CA VAL A 182 -0.99 6.91 -4.31
C VAL A 182 -1.99 7.94 -3.83
N THR A 183 -2.06 8.23 -2.54
CA THR A 183 -3.06 9.14 -1.99
C THR A 183 -2.47 10.52 -1.73
N ALA A 184 -1.43 10.59 -0.90
CA ALA A 184 -0.67 11.81 -0.69
C ALA A 184 0.78 11.51 -0.99
N PRO A 185 1.18 11.54 -2.26
CA PRO A 185 2.57 11.18 -2.59
C PRO A 185 3.56 12.22 -2.16
N ASP A 186 3.22 13.50 -2.33
CA ASP A 186 4.16 14.58 -2.06
C ASP A 186 4.31 14.84 -0.57
N THR A 187 3.19 14.85 0.17
CA THR A 187 3.20 15.13 1.59
C THR A 187 3.31 13.89 2.44
N ALA A 188 4.00 12.86 1.94
CA ALA A 188 4.22 11.64 2.71
C ALA A 188 5.53 11.64 3.45
N ALA A 189 6.36 12.67 3.29
CA ALA A 189 7.69 12.63 3.87
C ALA A 189 7.66 12.80 5.38
N ASP A 190 6.71 13.56 5.91
CA ASP A 190 6.63 13.75 7.35
C ASP A 190 5.91 12.60 8.03
N SER A 191 4.98 11.96 7.34
CA SER A 191 4.22 10.87 7.94
C SER A 191 5.03 9.59 8.03
N GLU A 192 5.74 9.25 6.96
CA GLU A 192 6.55 8.03 6.92
C GLU A 192 7.74 8.08 7.85
N LEU A 193 8.18 9.28 8.25
CA LEU A 193 9.21 9.37 9.26
C LEU A 193 8.68 8.97 10.62
N ARG A 194 7.42 9.28 10.92
CA ARG A 194 6.84 8.90 12.20
C ARG A 194 6.67 7.41 12.35
N ARG A 195 6.66 6.66 11.24
CA ARG A 195 6.68 5.21 11.34
C ARG A 195 8.09 4.69 11.45
N TRP A 196 9.06 5.38 10.83
CA TRP A 196 10.45 5.02 11.02
C TRP A 196 10.89 5.23 12.47
N ILE A 197 10.34 6.24 13.13
CA ILE A 197 10.60 6.41 14.56
C ILE A 197 9.92 5.31 15.35
N LYS A 198 8.78 4.80 14.87
CA LYS A 198 8.08 3.74 15.59
C LYS A 198 8.86 2.44 15.58
N TYR A 199 9.41 2.06 14.43
CA TYR A 199 10.14 0.81 14.35
C TYR A 199 11.57 0.94 14.84
N THR A 200 12.01 2.13 15.20
CA THR A 200 13.32 2.28 15.82
C THR A 200 13.23 2.07 17.33
N GLN A 201 12.23 2.65 17.99
CA GLN A 201 12.06 2.38 19.41
C GLN A 201 11.43 1.03 19.71
N GLN A 202 10.83 0.37 18.73
CA GLN A 202 10.44 -1.02 18.99
C GLN A 202 11.59 -1.99 18.81
N ARG A 203 12.76 -1.49 18.38
CA ARG A 203 13.92 -2.29 17.97
C ARG A 203 13.56 -3.29 16.88
N ARG A 204 12.66 -2.90 15.98
CA ARG A 204 12.37 -3.69 14.80
C ARG A 204 13.46 -3.55 13.76
N VAL A 205 13.87 -2.31 13.49
CA VAL A 205 14.86 -2.02 12.48
C VAL A 205 16.11 -1.51 13.18
N VAL A 206 17.14 -1.24 12.38
CA VAL A 206 18.31 -0.53 12.87
C VAL A 206 18.13 0.93 12.50
N GLY A 207 18.49 1.82 13.41
CA GLY A 207 18.25 3.23 13.17
C GLY A 207 19.25 3.87 12.24
N GLU A 208 20.41 3.25 12.07
CA GLU A 208 21.46 3.83 11.24
C GLU A 208 21.14 3.75 9.77
N PHE A 209 20.49 2.69 9.32
CA PHE A 209 20.42 2.37 7.89
C PHE A 209 19.15 2.95 7.27
N ARG A 210 19.00 4.26 7.45
CA ARG A 210 17.86 5.00 6.90
C ARG A 210 18.21 5.41 5.48
N LEU A 211 17.51 4.86 4.51
CA LEU A 211 17.69 5.23 3.11
C LEU A 211 17.17 6.64 2.90
N GLU A 212 17.85 7.38 2.03
CA GLU A 212 17.67 8.82 2.01
C GLU A 212 16.39 9.21 1.27
N ARG A 213 16.17 10.53 1.21
CA ARG A 213 15.00 11.08 0.54
C ARG A 213 14.99 10.76 -0.94
N LYS A 214 16.16 10.73 -1.56
CA LYS A 214 16.26 10.55 -3.00
C LYS A 214 16.16 9.09 -3.42
N TRP A 215 16.52 8.15 -2.55
CA TRP A 215 16.28 6.74 -2.86
C TRP A 215 14.80 6.41 -2.75
N LEU A 216 14.15 6.90 -1.71
CA LEU A 216 12.74 6.59 -1.49
C LEU A 216 11.84 7.31 -2.49
N ASP A 217 12.24 8.48 -2.97
CA ASP A 217 11.48 9.17 -4.00
C ASP A 217 11.60 8.50 -5.36
N VAL A 218 12.58 7.62 -5.55
CA VAL A 218 12.55 6.75 -6.73
C VAL A 218 11.47 5.69 -6.56
N VAL A 219 11.36 5.12 -5.36
CA VAL A 219 10.45 4.01 -5.14
C VAL A 219 9.01 4.50 -4.99
N ARG A 220 8.82 5.60 -4.26
CA ARG A 220 7.48 6.14 -4.07
C ARG A 220 6.87 6.62 -5.38
N ASN A 221 7.71 7.19 -6.25
CA ASN A 221 7.27 7.53 -7.59
C ASN A 221 7.00 6.27 -8.40
N ARG A 222 7.73 5.19 -8.12
CA ARG A 222 7.53 3.97 -8.90
C ARG A 222 6.24 3.27 -8.49
N ILE A 223 6.00 3.12 -7.18
CA ILE A 223 4.78 2.49 -6.68
C ILE A 223 3.55 3.26 -7.12
N ALA A 224 3.67 4.59 -7.25
CA ALA A 224 2.56 5.39 -7.74
C ALA A 224 2.33 5.18 -9.23
N GLU A 225 3.40 5.06 -10.03
CA GLU A 225 3.19 5.19 -11.47
C GLU A 225 2.89 3.87 -12.17
N ASP A 226 3.29 2.72 -11.64
CA ASP A 226 2.85 1.49 -12.24
C ASP A 226 1.88 0.75 -11.31
N LEU A 227 1.13 -0.16 -11.88
CA LEU A 227 0.04 -0.80 -11.18
C LEU A 227 0.32 -2.25 -10.84
N SER A 228 1.25 -2.89 -11.55
CA SER A 228 1.55 -4.29 -11.27
C SER A 228 2.52 -4.43 -10.11
N LEU A 229 3.21 -3.37 -9.74
CA LEU A 229 4.01 -3.42 -8.52
C LEU A 229 3.12 -3.36 -7.30
N ARG A 230 2.06 -2.55 -7.34
CA ARG A 230 1.14 -2.48 -6.21
C ARG A 230 0.35 -3.76 -6.06
N ARG A 231 0.01 -4.41 -7.16
CA ARG A 231 -0.68 -5.70 -7.07
C ARG A 231 0.21 -6.78 -6.50
N PHE A 232 1.52 -6.66 -6.67
CA PHE A 232 2.38 -7.60 -5.97
C PHE A 232 2.52 -7.24 -4.50
N MET A 233 2.57 -5.95 -4.18
CA MET A 233 2.75 -5.54 -2.80
C MET A 233 1.50 -5.79 -1.98
N VAL A 234 0.33 -5.61 -2.59
CA VAL A 234 -0.91 -5.90 -1.89
C VAL A 234 -1.09 -7.40 -1.70
N ALA A 235 -0.91 -8.16 -2.77
CA ALA A 235 -1.25 -9.57 -2.71
C ALA A 235 -0.24 -10.41 -1.93
N LEU A 236 0.92 -9.87 -1.57
CA LEU A 236 1.70 -10.64 -0.61
C LEU A 236 1.33 -10.29 0.81
N ILE A 237 0.91 -9.04 1.07
CA ILE A 237 0.35 -8.67 2.37
C ILE A 237 -0.83 -9.55 2.72
N LEU A 238 -1.72 -9.78 1.75
CA LEU A 238 -2.83 -10.70 1.94
C LEU A 238 -2.36 -12.13 2.13
N ASP A 239 -1.16 -12.48 1.66
CA ASP A 239 -0.61 -13.78 1.96
C ASP A 239 0.08 -13.83 3.32
N ILE A 240 0.58 -12.68 3.80
CA ILE A 240 1.16 -12.63 5.13
C ILE A 240 0.08 -12.86 6.18
N LYS A 241 -1.09 -12.26 5.97
CA LYS A 241 -2.18 -12.36 6.94
C LYS A 241 -2.67 -13.79 7.11
N ARG A 242 -2.65 -14.58 6.04
CA ARG A 242 -3.16 -15.93 6.11
C ARG A 242 -2.21 -16.90 6.80
N THR A 243 -0.97 -16.49 7.06
CA THR A 243 -0.01 -17.34 7.73
C THR A 243 -0.44 -17.57 9.18
N PRO A 244 -0.80 -18.78 9.57
CA PRO A 244 -1.56 -18.97 10.82
C PRO A 244 -0.80 -18.72 12.11
N GLY A 245 0.37 -19.33 12.27
CA GLY A 245 1.07 -19.33 13.55
C GLY A 245 1.82 -18.05 13.80
N ASN A 246 2.94 -18.18 14.49
CA ASN A 246 3.86 -17.07 14.61
C ASN A 246 4.48 -16.82 13.24
N LYS A 247 4.29 -15.61 12.73
CA LYS A 247 4.86 -15.26 11.44
C LYS A 247 6.36 -15.04 11.61
N PRO A 248 7.13 -15.19 10.54
CA PRO A 248 8.52 -14.75 10.59
C PRO A 248 8.61 -13.24 10.77
N ARG A 249 9.74 -12.79 11.33
CA ARG A 249 9.76 -11.49 11.96
C ARG A 249 9.74 -10.35 10.96
N ILE A 250 10.29 -10.55 9.76
CA ILE A 250 10.10 -9.54 8.72
C ILE A 250 8.67 -9.56 8.24
N ALA A 251 8.06 -10.75 8.19
CA ALA A 251 6.67 -10.84 7.75
C ALA A 251 5.73 -10.29 8.79
N GLU A 252 6.08 -10.41 10.08
CA GLU A 252 5.27 -9.76 11.10
C GLU A 252 5.37 -8.25 10.99
N MET A 253 6.53 -7.75 10.58
CA MET A 253 6.73 -6.32 10.41
C MET A 253 5.93 -5.78 9.23
N ILE A 254 5.80 -6.56 8.16
CA ILE A 254 5.04 -6.14 7.00
C ILE A 254 3.55 -6.08 7.34
N CYS A 255 3.06 -7.06 8.09
CA CYS A 255 1.68 -7.02 8.56
C CYS A 255 1.50 -6.01 9.67
N ASP A 256 2.60 -5.48 10.24
CA ASP A 256 2.55 -4.42 11.24
C ASP A 256 2.47 -3.05 10.58
N ILE A 257 3.21 -2.86 9.48
CA ILE A 257 3.10 -1.69 8.62
C ILE A 257 1.73 -1.62 7.97
N ASP A 258 1.09 -2.78 7.80
CA ASP A 258 -0.16 -2.92 7.07
C ASP A 258 -1.30 -2.13 7.67
N THR A 259 -1.28 -1.89 8.99
CA THR A 259 -2.33 -1.11 9.63
C THR A 259 -2.34 0.35 9.19
N TYR A 260 -1.31 0.80 8.50
CA TYR A 260 -1.27 2.12 7.89
C TYR A 260 -1.59 2.09 6.42
N ILE A 261 -1.67 0.90 5.82
CA ILE A 261 -1.83 0.76 4.38
C ILE A 261 -3.30 0.44 4.08
N VAL A 262 -3.97 -0.21 5.03
CA VAL A 262 -5.37 -0.55 4.85
C VAL A 262 -6.22 0.72 4.82
N GLU A 263 -7.23 0.71 3.93
CA GLU A 263 -8.24 1.76 3.80
C GLU A 263 -7.63 3.12 3.47
N ALA A 264 -6.47 3.12 2.84
CA ALA A 264 -5.72 4.34 2.62
C ALA A 264 -6.18 4.93 1.31
N GLY A 265 -7.14 5.84 1.39
CA GLY A 265 -7.73 6.44 0.22
C GLY A 265 -9.22 6.30 0.24
N LEU A 266 -9.74 5.69 1.31
CA LEU A 266 -11.17 5.58 1.53
C LEU A 266 -11.62 6.40 2.72
N ALA A 267 -10.84 7.41 3.11
CA ALA A 267 -11.18 8.15 4.32
C ALA A 267 -12.24 9.21 4.09
N SER A 268 -12.76 9.36 2.87
CA SER A 268 -14.02 10.06 2.71
C SER A 268 -15.21 9.15 3.00
N PHE A 269 -14.96 7.87 3.18
CA PHE A 269 -15.95 6.87 3.53
C PHE A 269 -15.77 6.33 4.94
N ILE A 270 -14.53 6.13 5.39
CA ILE A 270 -14.31 5.65 6.75
C ILE A 270 -14.64 6.73 7.75
N LEU A 271 -14.21 7.96 7.48
CA LEU A 271 -14.52 9.06 8.39
C LEU A 271 -15.95 9.53 8.26
N THR A 272 -16.62 9.22 7.16
CA THR A 272 -18.05 9.45 7.08
C THR A 272 -18.80 8.51 8.00
N ILE A 273 -18.34 7.27 8.10
CA ILE A 273 -18.91 6.31 9.05
C ILE A 273 -18.57 6.71 10.47
N LYS A 274 -17.33 7.12 10.71
CA LYS A 274 -16.84 7.33 12.07
C LYS A 274 -17.46 8.56 12.71
N PHE A 275 -17.67 9.63 11.94
CA PHE A 275 -18.18 10.86 12.50
C PHE A 275 -19.62 11.16 12.12
N GLY A 276 -20.03 10.83 10.90
CA GLY A 276 -21.40 11.11 10.51
C GLY A 276 -22.38 10.12 11.07
N ILE A 277 -22.02 8.84 11.04
CA ILE A 277 -22.94 7.79 11.44
C ILE A 277 -22.82 7.48 12.92
N GLU A 278 -21.63 7.18 13.40
CA GLU A 278 -21.49 6.56 14.70
C GLU A 278 -21.69 7.51 15.88
N THR A 279 -21.63 8.82 15.65
CA THR A 279 -21.86 9.75 16.75
C THR A 279 -23.33 9.84 17.10
N MET A 280 -24.20 9.78 16.09
CA MET A 280 -25.66 9.80 16.22
C MET A 280 -26.15 11.06 16.92
N TYR A 281 -25.76 12.19 16.34
CA TYR A 281 -26.36 13.46 16.67
C TYR A 281 -27.80 13.47 16.17
N PRO A 282 -28.65 14.36 16.69
CA PRO A 282 -30.00 14.48 16.15
C PRO A 282 -30.10 14.96 14.72
N ALA A 283 -29.02 15.43 14.09
CA ALA A 283 -29.06 15.77 12.68
C ALA A 283 -28.65 14.60 11.80
N LEU A 284 -29.27 13.45 12.03
CA LEU A 284 -29.32 12.39 11.03
C LEU A 284 -30.74 12.05 10.63
N GLY A 285 -31.73 12.47 11.41
CA GLY A 285 -33.11 12.33 11.03
C GLY A 285 -33.61 13.38 10.08
N LEU A 286 -32.72 14.21 9.53
CA LEU A 286 -33.06 15.05 8.41
C LEU A 286 -33.44 14.18 7.23
N HIS A 287 -34.46 14.61 6.49
CA HIS A 287 -34.91 13.81 5.36
C HIS A 287 -33.91 13.83 4.23
N GLU A 288 -33.10 14.88 4.15
CA GLU A 288 -32.09 15.01 3.12
C GLU A 288 -30.94 14.03 3.31
N PHE A 289 -30.78 13.48 4.51
CA PHE A 289 -29.82 12.43 4.78
C PHE A 289 -30.43 11.05 4.68
N ALA A 290 -31.76 10.95 4.75
CA ALA A 290 -32.43 9.66 4.84
C ALA A 290 -32.23 8.83 3.59
N GLY A 291 -32.11 9.49 2.43
CA GLY A 291 -31.71 8.76 1.23
C GLY A 291 -30.25 8.46 1.16
N GLU A 292 -29.43 9.20 1.90
CA GLU A 292 -27.99 9.02 1.86
C GLU A 292 -27.46 8.20 3.02
N LEU A 293 -28.31 7.84 3.97
CA LEU A 293 -27.93 6.81 4.92
C LEU A 293 -28.18 5.42 4.36
N SER A 294 -28.98 5.31 3.30
CA SER A 294 -29.23 4.02 2.68
C SER A 294 -28.21 3.72 1.59
N THR A 295 -27.74 4.74 0.86
CA THR A 295 -26.61 4.53 -0.03
C THR A 295 -25.28 4.60 0.69
N LEU A 296 -25.28 4.66 2.01
CA LEU A 296 -24.09 4.41 2.81
C LEU A 296 -24.23 3.12 3.58
N GLU A 297 -25.46 2.69 3.85
CA GLU A 297 -25.70 1.35 4.37
C GLU A 297 -25.33 0.29 3.34
N SER A 298 -25.67 0.54 2.07
CA SER A 298 -25.36 -0.45 1.04
C SER A 298 -23.88 -0.45 0.67
N LEU A 299 -23.14 0.61 1.01
CA LEU A 299 -21.71 0.57 0.81
C LEU A 299 -20.99 -0.12 1.95
N MET A 300 -21.64 -0.30 3.09
CA MET A 300 -21.09 -1.13 4.14
C MET A 300 -21.42 -2.60 3.93
N ASN A 301 -22.54 -2.91 3.28
CA ASN A 301 -22.77 -4.27 2.83
C ASN A 301 -21.81 -4.65 1.71
N LEU A 302 -21.51 -3.70 0.82
CA LEU A 302 -20.63 -4.00 -0.30
C LEU A 302 -19.18 -4.11 0.15
N TYR A 303 -18.81 -3.43 1.24
CA TYR A 303 -17.42 -3.41 1.66
C TYR A 303 -17.00 -4.73 2.26
N GLN A 304 -17.89 -5.43 2.94
CA GLN A 304 -17.50 -6.66 3.60
C GLN A 304 -17.73 -7.89 2.74
N GLN A 305 -18.47 -7.76 1.65
CA GLN A 305 -18.62 -8.86 0.72
C GLN A 305 -17.64 -8.77 -0.43
N MET A 306 -16.78 -7.76 -0.46
CA MET A 306 -15.63 -7.78 -1.35
C MET A 306 -14.47 -8.57 -0.78
N GLY A 307 -14.54 -8.98 0.48
CA GLY A 307 -13.54 -9.85 1.03
C GLY A 307 -12.37 -9.11 1.63
N GLU A 308 -11.20 -9.75 1.62
CA GLU A 308 -10.01 -9.20 2.21
C GLU A 308 -9.22 -8.30 1.27
N THR A 309 -9.70 -8.12 0.03
CA THR A 309 -9.09 -7.17 -0.89
C THR A 309 -9.79 -5.82 -0.87
N ALA A 310 -10.74 -5.63 0.02
CA ALA A 310 -11.53 -4.42 0.13
C ALA A 310 -10.85 -3.22 0.79
N PRO A 311 -9.99 -3.34 1.82
CA PRO A 311 -9.27 -2.14 2.26
C PRO A 311 -8.21 -1.65 1.29
N TYR A 312 -7.93 -2.36 0.20
CA TYR A 312 -6.88 -2.01 -0.72
C TYR A 312 -7.42 -1.61 -2.08
N MET A 313 -8.68 -1.19 -2.15
CA MET A 313 -9.31 -1.01 -3.46
C MET A 313 -8.78 0.20 -4.19
N VAL A 314 -8.22 1.17 -3.50
CA VAL A 314 -7.61 2.32 -4.14
C VAL A 314 -6.08 2.19 -4.17
N ILE A 315 -5.51 1.31 -3.36
CA ILE A 315 -4.13 0.91 -3.59
C ILE A 315 -4.04 0.07 -4.86
N LEU A 316 -4.95 -0.89 -5.01
CA LEU A 316 -5.02 -1.65 -6.25
C LEU A 316 -5.66 -0.86 -7.37
N GLU A 317 -6.34 0.24 -7.03
CA GLU A 317 -6.94 1.18 -7.96
C GLU A 317 -7.92 0.48 -8.91
N ASN A 318 -8.84 -0.28 -8.32
CA ASN A 318 -9.82 -0.94 -9.15
C ASN A 318 -10.97 0.01 -9.45
N SER A 319 -11.99 -0.48 -10.13
CA SER A 319 -13.05 0.40 -10.59
C SER A 319 -14.10 0.65 -9.53
N ILE A 320 -14.04 -0.05 -8.40
CA ILE A 320 -15.13 -0.01 -7.43
C ILE A 320 -14.89 1.05 -6.37
N GLN A 321 -13.73 1.68 -6.35
CA GLN A 321 -13.49 2.80 -5.47
C GLN A 321 -14.09 4.10 -5.98
N ASN A 322 -14.59 4.14 -7.21
CA ASN A 322 -15.43 5.27 -7.61
C ASN A 322 -16.78 5.19 -6.94
N LYS A 323 -17.18 4.01 -6.49
CA LYS A 323 -18.49 3.80 -5.92
C LYS A 323 -18.53 4.19 -4.46
N PHE A 324 -17.41 4.06 -3.76
CA PHE A 324 -17.29 4.51 -2.38
C PHE A 324 -16.92 5.97 -2.27
N SER A 325 -16.92 6.69 -3.39
CA SER A 325 -16.55 8.09 -3.38
C SER A 325 -17.61 8.91 -2.66
N ALA A 326 -17.19 10.05 -2.12
CA ALA A 326 -18.12 10.89 -1.39
C ALA A 326 -19.05 11.66 -2.30
N GLY A 327 -18.86 11.59 -3.62
CA GLY A 327 -19.74 12.28 -4.54
C GLY A 327 -21.11 11.66 -4.64
N SER A 328 -21.25 10.40 -4.24
CA SER A 328 -22.55 9.77 -4.24
C SER A 328 -23.38 10.12 -3.02
N TYR A 329 -22.72 10.59 -1.95
CA TYR A 329 -23.39 11.10 -0.75
C TYR A 329 -22.77 12.44 -0.37
N PRO A 330 -22.99 13.47 -1.20
CA PRO A 330 -22.23 14.71 -1.02
C PRO A 330 -22.70 15.54 0.15
N LEU A 331 -23.86 15.25 0.73
CA LEU A 331 -24.36 16.04 1.83
C LEU A 331 -23.99 15.43 3.16
N LEU A 332 -24.19 14.12 3.30
CA LEU A 332 -23.87 13.43 4.54
C LEU A 332 -22.38 13.30 4.75
N TRP A 333 -21.58 13.36 3.67
CA TRP A 333 -20.14 13.42 3.83
C TRP A 333 -19.69 14.74 4.42
N SER A 334 -20.27 15.84 3.93
CA SER A 334 -19.89 17.16 4.41
C SER A 334 -20.29 17.36 5.85
N TYR A 335 -21.40 16.76 6.26
CA TYR A 335 -21.79 16.74 7.66
C TYR A 335 -20.75 16.02 8.50
N ALA A 336 -20.18 14.95 7.96
CA ALA A 336 -19.20 14.19 8.72
C ALA A 336 -17.84 14.85 8.73
N MET A 337 -17.53 15.68 7.75
CA MET A 337 -16.33 16.50 7.85
C MET A 337 -16.54 17.63 8.86
N GLY A 338 -17.78 18.06 9.03
CA GLY A 338 -18.06 19.08 10.03
C GLY A 338 -17.98 18.53 11.43
N VAL A 339 -18.48 17.32 11.64
CA VAL A 339 -18.30 16.64 12.92
C VAL A 339 -16.84 16.28 13.12
N GLY A 340 -16.14 15.98 12.03
CA GLY A 340 -14.79 15.45 12.15
C GLY A 340 -13.77 16.48 12.56
N VAL A 341 -13.75 17.63 11.88
CA VAL A 341 -12.72 18.62 12.17
C VAL A 341 -12.97 19.36 13.46
N GLU A 342 -14.16 19.24 14.03
CA GLU A 342 -14.45 19.89 15.29
C GLU A 342 -14.09 19.01 16.48
N LEU A 343 -14.07 17.69 16.28
CA LEU A 343 -13.73 16.78 17.37
C LEU A 343 -12.23 16.58 17.57
N GLU A 344 -11.48 16.24 16.52
CA GLU A 344 -10.06 15.92 16.67
C GLU A 344 -9.16 17.04 16.16
N ASN A 345 -8.00 17.14 16.79
CA ASN A 345 -6.92 17.95 16.26
C ASN A 345 -6.40 17.35 14.96
N SER A 346 -6.45 16.03 14.83
CA SER A 346 -5.83 15.36 13.69
C SER A 346 -6.62 15.56 12.42
N MET A 347 -7.92 15.80 12.52
CA MET A 347 -8.73 16.05 11.33
C MET A 347 -8.50 17.42 10.73
N GLY A 348 -7.76 18.30 11.40
CA GLY A 348 -7.46 19.60 10.84
C GLY A 348 -6.49 19.55 9.69
N GLY A 349 -5.69 18.49 9.60
CA GLY A 349 -4.77 18.36 8.49
C GLY A 349 -5.32 17.71 7.27
N LEU A 350 -6.54 17.15 7.35
CA LEU A 350 -7.12 16.45 6.23
C LEU A 350 -7.59 17.44 5.19
N ASN A 351 -7.10 17.28 3.97
CA ASN A 351 -7.56 18.08 2.84
C ASN A 351 -8.81 17.42 2.27
N PHE A 352 -9.93 18.12 2.30
CA PHE A 352 -11.15 17.65 1.67
C PHE A 352 -11.62 18.73 0.70
N GLY A 353 -10.99 18.78 -0.46
CA GLY A 353 -11.37 19.75 -1.46
C GLY A 353 -12.00 19.08 -2.65
N ARG A 354 -13.32 19.17 -2.75
CA ARG A 354 -14.05 18.49 -3.81
C ARG A 354 -15.09 19.45 -4.38
N SER A 355 -15.55 19.14 -5.59
CA SER A 355 -16.52 19.96 -6.30
C SER A 355 -17.95 19.68 -5.91
N TYR A 356 -18.16 19.07 -4.75
CA TYR A 356 -19.49 18.75 -4.25
C TYR A 356 -19.58 18.99 -2.76
N PHE A 357 -18.86 20.00 -2.25
CA PHE A 357 -18.60 20.09 -0.82
C PHE A 357 -19.82 20.55 -0.05
N ASP A 358 -20.52 21.60 -0.54
CA ASP A 358 -21.72 22.19 0.07
C ASP A 358 -21.46 22.57 1.54
N PRO A 359 -20.78 23.67 1.82
CA PRO A 359 -20.38 23.98 3.19
C PRO A 359 -21.51 24.35 4.13
N ALA A 360 -22.75 24.42 3.66
CA ALA A 360 -23.88 24.66 4.55
C ALA A 360 -24.16 23.48 5.45
N TYR A 361 -23.73 22.28 5.07
CA TYR A 361 -23.84 21.11 5.94
C TYR A 361 -22.55 20.85 6.69
N PHE A 362 -21.45 21.40 6.20
CA PHE A 362 -20.22 21.41 6.99
C PHE A 362 -20.37 22.32 8.20
N ARG A 363 -21.06 23.45 8.03
CA ARG A 363 -21.34 24.33 9.15
C ARG A 363 -22.45 23.77 10.02
N LEU A 364 -23.32 22.95 9.44
CA LEU A 364 -24.30 22.23 10.23
C LEU A 364 -23.65 21.06 10.94
N GLY A 365 -22.55 20.55 10.41
CA GLY A 365 -21.86 19.46 11.08
C GLY A 365 -21.09 19.95 12.29
N GLN A 366 -20.47 21.12 12.17
CA GLN A 366 -19.79 21.72 13.31
C GLN A 366 -20.78 22.19 14.36
N GLU A 367 -21.97 22.62 13.95
CA GLU A 367 -22.93 23.17 14.89
C GLU A 367 -23.50 22.09 15.80
N MET A 368 -23.64 20.85 15.32
CA MET A 368 -24.14 19.80 16.18
C MET A 368 -23.12 19.39 17.22
N VAL A 369 -21.84 19.59 16.94
CA VAL A 369 -20.81 19.29 17.94
C VAL A 369 -20.76 20.39 18.98
N ARG A 370 -20.84 21.64 18.55
CA ARG A 370 -20.74 22.75 19.49
C ARG A 370 -21.97 22.87 20.36
N ARG A 371 -23.15 22.59 19.80
CA ARG A 371 -24.36 22.55 20.60
C ARG A 371 -24.35 21.40 21.60
N SER A 372 -23.77 20.27 21.23
CA SER A 372 -23.72 19.12 22.11
C SER A 372 -22.34 19.01 22.76
N ALA A 373 -22.03 20.00 23.59
CA ALA A 373 -20.74 20.05 24.25
C ALA A 373 -20.75 19.28 25.57
N GLY A 374 -21.63 19.67 26.48
CA GLY A 374 -21.81 18.97 27.74
C GLY A 374 -23.21 18.40 27.82
N LYS A 375 -23.65 17.77 26.74
CA LYS A 375 -25.06 17.52 26.49
C LYS A 375 -25.33 16.04 26.32
N VAL A 376 -24.92 15.26 27.33
CA VAL A 376 -25.12 13.82 27.47
C VAL A 376 -26.54 13.39 27.10
N SER A 377 -26.64 12.44 26.18
CA SER A 377 -27.92 12.00 25.64
C SER A 377 -28.68 11.10 26.62
#